data_6ZQ2
#
_entry.id   6ZQ2
#
_cell.length_a   54.803
_cell.length_b   54.803
_cell.length_c   108.558
_cell.angle_alpha   90.000
_cell.angle_beta   90.000
_cell.angle_gamma   120.000
#
_symmetry.space_group_name_H-M   'P 31 2 1'
#
loop_
_entity.id
_entity.type
_entity.pdbx_description
1 polymer 'Cationic trypsin'
2 non-polymer D-phenylalanyl-N-{4-[amino(iminio)methyl]benzyl}-L-prolinamide
3 non-polymer 'CALCIUM ION'
4 non-polymer GLYCEROL
5 non-polymer 'SULFATE ION'
6 water water
#
_entity_poly.entity_id   1
_entity_poly.type   'polypeptide(L)'
_entity_poly.pdbx_seq_one_letter_code
;IVGGYTCGANTVPYQVSLNSGYHFCGGSLINSQWVVSAAHCYKSGIQVRLGEDNINVVEGNEQFISASKSIVHPSYNSNT
LNNDIMLIKLKSAASLNSRVASISLPTSCASAGTQCLISGWGNTKSSGTSYPDVLKCLKAPILSDSSCKSAYPGQITSNM
FCAGYLEGGKDSCQGDSGGPVVCSGKLQGIVSWGSGCAQKNKPGVYTKVCNYVSWIKQTIASN
;
_entity_poly.pdbx_strand_id   A
#
loop_
_chem_comp.id
_chem_comp.type
_chem_comp.name
_chem_comp.formula
32U peptide-like D-phenylalanyl-N-{4-[amino(iminio)methyl]benzyl}-L-prolinamide 'C22 H28 N5 O2 1'
CA non-polymer 'CALCIUM ION' 'Ca 2'
GOL non-polymer GLYCEROL 'C3 H8 O3'
SO4 non-polymer 'SULFATE ION' 'O4 S -2'
#
# COMPACT_ATOMS: atom_id res chain seq x y z
N ILE A 1 2.13 9.86 5.13
CA ILE A 1 1.32 9.60 6.32
C ILE A 1 1.24 10.88 7.12
N VAL A 2 0.01 11.34 7.37
CA VAL A 2 -0.25 12.55 8.17
C VAL A 2 -0.72 12.10 9.55
N GLY A 3 -0.13 12.68 10.59
CA GLY A 3 -0.58 12.41 11.94
C GLY A 3 -0.15 11.07 12.48
N GLY A 4 0.84 10.45 11.86
CA GLY A 4 1.38 9.18 12.30
C GLY A 4 2.62 9.34 13.14
N TYR A 5 3.44 8.29 13.14
CA TYR A 5 4.64 8.26 13.97
C TYR A 5 5.73 7.54 13.19
N THR A 6 6.97 7.80 13.56
CA THR A 6 8.10 7.09 12.99
C THR A 6 8.03 5.61 13.37
N CYS A 7 7.98 4.73 12.38
CA CYS A 7 7.77 3.31 12.66
C CYS A 7 8.90 2.74 13.50
N GLY A 8 10.14 3.10 13.17
CA GLY A 8 11.31 2.39 13.65
C GLY A 8 11.88 1.54 12.54
N ALA A 9 13.21 1.55 12.40
CA ALA A 9 13.85 0.90 11.26
C ALA A 9 13.47 -0.58 11.16
N ASN A 10 12.95 -0.96 10.00
CA ASN A 10 12.68 -2.34 9.63
C ASN A 10 11.63 -3.00 10.49
N THR A 11 10.79 -2.21 11.17
CA THR A 11 9.71 -2.77 11.96
C THR A 11 8.49 -3.12 11.10
N VAL A 12 8.50 -2.74 9.82
CA VAL A 12 7.43 -3.08 8.88
C VAL A 12 8.13 -3.79 7.73
N PRO A 13 8.61 -5.02 7.91
CA PRO A 13 9.59 -5.58 6.98
C PRO A 13 9.03 -5.99 5.63
N TYR A 14 7.70 -5.99 5.48
CA TYR A 14 7.05 -6.24 4.19
C TYR A 14 6.88 -4.96 3.37
N GLN A 15 7.18 -3.80 3.93
CA GLN A 15 7.03 -2.54 3.20
C GLN A 15 8.18 -2.38 2.21
N VAL A 16 7.84 -2.16 0.95
CA VAL A 16 8.85 -1.85 -0.06
C VAL A 16 8.64 -0.43 -0.58
N SER A 17 9.72 0.13 -1.11
CA SER A 17 9.70 1.36 -1.86
C SER A 17 9.91 1.02 -3.33
N LEU A 18 9.06 1.55 -4.20
CA LEU A 18 9.25 1.44 -5.63
C LEU A 18 10.02 2.66 -6.12
N ASN A 19 11.11 2.42 -6.83
CA ASN A 19 12.06 3.46 -7.20
C ASN A 19 12.27 3.46 -8.70
N SER A 20 12.17 4.65 -9.30
CA SER A 20 12.48 4.87 -10.71
C SER A 20 13.45 6.04 -10.83
N GLY A 21 14.50 6.03 -10.00
CA GLY A 21 15.38 7.17 -9.81
C GLY A 21 15.08 7.94 -8.55
N TYR A 22 13.96 7.64 -7.90
CA TYR A 22 13.41 8.32 -6.75
C TYR A 22 12.27 7.42 -6.28
N HIS A 23 11.95 7.48 -5.00
CA HIS A 23 10.76 6.81 -4.49
C HIS A 23 9.51 7.40 -5.12
N PHE A 24 8.64 6.54 -5.66
CA PHE A 24 7.37 7.03 -6.21
C PHE A 24 6.14 6.31 -5.71
N CYS A 25 6.28 5.20 -5.02
CA CYS A 25 5.13 4.47 -4.50
C CYS A 25 5.64 3.46 -3.49
N GLY A 26 4.73 3.04 -2.61
CA GLY A 26 4.96 1.90 -1.76
C GLY A 26 4.49 0.61 -2.42
N GLY A 27 4.72 -0.49 -1.71
CA GLY A 27 4.26 -1.81 -2.09
C GLY A 27 4.47 -2.74 -0.92
N SER A 28 4.02 -3.98 -1.09
CA SER A 28 4.07 -5.01 -0.06
C SER A 28 4.65 -6.29 -0.62
N LEU A 29 5.66 -6.82 0.03
CA LEU A 29 6.25 -8.10 -0.38
C LEU A 29 5.31 -9.22 0.06
N ILE A 30 4.89 -10.08 -0.87
CA ILE A 30 4.01 -11.18 -0.54
C ILE A 30 4.67 -12.55 -0.61
N ASN A 31 5.82 -12.67 -1.27
CA ASN A 31 6.69 -13.84 -1.18
C ASN A 31 8.04 -13.39 -1.73
N SER A 32 9.00 -14.31 -1.83
CA SER A 32 10.34 -13.85 -2.17
C SER A 32 10.44 -13.27 -3.58
N GLN A 33 9.44 -13.52 -4.44
CA GLN A 33 9.52 -13.10 -5.83
C GLN A 33 8.50 -12.05 -6.24
N TRP A 34 7.55 -11.68 -5.37
CA TRP A 34 6.42 -10.89 -5.81
C TRP A 34 6.03 -9.78 -4.83
N VAL A 35 5.67 -8.64 -5.38
CA VAL A 35 5.20 -7.47 -4.66
C VAL A 35 3.80 -7.10 -5.15
N VAL A 36 2.94 -6.70 -4.21
CA VAL A 36 1.62 -6.13 -4.51
C VAL A 36 1.69 -4.62 -4.33
N SER A 37 1.17 -3.87 -5.30
CA SER A 37 1.09 -2.42 -5.20
C SER A 37 -0.22 -1.97 -5.85
N ALA A 38 -0.36 -0.66 -6.05
CA ALA A 38 -1.55 -0.10 -6.70
C ALA A 38 -1.32 -0.03 -8.20
N ALA A 39 -2.36 -0.33 -8.96
CA ALA A 39 -2.28 -0.13 -10.41
C ALA A 39 -1.97 1.31 -10.78
N HIS A 40 -2.41 2.30 -9.99
CA HIS A 40 -2.09 3.68 -10.34
C HIS A 40 -0.61 3.98 -10.18
N CYS A 41 0.16 3.07 -9.59
CA CYS A 41 1.60 3.18 -9.52
C CYS A 41 2.32 2.60 -10.73
N TYR A 42 1.58 2.06 -11.70
CA TYR A 42 2.23 1.40 -12.83
C TYR A 42 3.15 2.35 -13.58
N LYS A 43 4.33 1.85 -13.92
CA LYS A 43 5.24 2.47 -14.87
C LYS A 43 6.28 1.43 -15.22
N SER A 44 7.04 1.68 -16.28
N SER A 44 7.04 1.71 -16.28
CA SER A 44 8.14 0.81 -16.63
CA SER A 44 8.16 0.87 -16.67
C SER A 44 9.39 1.21 -15.86
C SER A 44 9.40 1.21 -15.84
N GLY A 45 10.36 0.30 -15.84
CA GLY A 45 11.64 0.57 -15.20
C GLY A 45 11.61 0.67 -13.68
N ILE A 46 10.90 -0.22 -13.03
CA ILE A 46 10.75 -0.20 -11.58
C ILE A 46 11.91 -0.97 -10.94
N GLN A 47 12.55 -0.36 -9.95
CA GLN A 47 13.43 -1.07 -9.04
C GLN A 47 12.73 -1.16 -7.70
N VAL A 48 12.64 -2.38 -7.16
CA VAL A 48 12.03 -2.60 -5.86
C VAL A 48 13.12 -2.48 -4.80
N ARG A 49 12.85 -1.69 -3.77
CA ARG A 49 13.81 -1.47 -2.68
C ARG A 49 13.20 -2.04 -1.40
N LEU A 50 13.82 -3.11 -0.93
CA LEU A 50 13.43 -3.84 0.26
C LEU A 50 14.39 -3.50 1.39
N GLY A 51 13.92 -3.70 2.63
CA GLY A 51 14.78 -3.47 3.78
C GLY A 51 15.06 -2.01 4.06
N GLU A 52 14.24 -1.10 3.55
CA GLU A 52 14.48 0.33 3.69
C GLU A 52 13.93 0.88 4.99
N ASP A 53 14.69 1.79 5.60
CA ASP A 53 14.12 2.76 6.52
C ASP A 53 14.31 4.16 5.95
N ASN A 54 15.48 4.76 6.11
CA ASN A 54 15.74 6.05 5.46
C ASN A 54 15.99 5.78 3.98
N ILE A 55 15.09 6.27 3.11
CA ILE A 55 15.23 5.99 1.68
C ILE A 55 16.31 6.84 1.01
N ASN A 56 16.93 7.78 1.72
CA ASN A 56 17.99 8.59 1.18
C ASN A 56 19.37 8.23 1.72
N VAL A 57 19.49 7.22 2.58
CA VAL A 57 20.75 6.81 3.18
C VAL A 57 20.85 5.30 3.11
N VAL A 58 21.99 4.79 2.67
CA VAL A 58 22.23 3.34 2.71
C VAL A 58 22.62 3.00 4.15
N GLU A 59 21.77 2.22 4.82
CA GLU A 59 21.94 1.92 6.23
C GLU A 59 22.40 0.50 6.50
N GLY A 60 22.35 -0.39 5.50
CA GLY A 60 22.99 -1.69 5.61
C GLY A 60 22.06 -2.89 5.49
N ASN A 61 20.74 -2.71 5.39
CA ASN A 61 19.84 -3.85 5.29
C ASN A 61 19.04 -3.86 3.99
N GLU A 62 19.38 -2.99 3.05
CA GLU A 62 18.62 -2.88 1.82
C GLU A 62 18.93 -4.03 0.86
N GLN A 63 17.92 -4.37 0.05
CA GLN A 63 18.09 -5.12 -1.18
C GLN A 63 17.40 -4.35 -2.29
N PHE A 64 18.14 -4.08 -3.36
CA PHE A 64 17.62 -3.37 -4.52
C PHE A 64 17.53 -4.39 -5.64
N ILE A 65 16.33 -4.63 -6.16
CA ILE A 65 16.09 -5.67 -7.15
C ILE A 65 15.18 -5.11 -8.23
N SER A 66 15.62 -5.21 -9.48
CA SER A 66 14.80 -4.75 -10.59
C SER A 66 13.59 -5.66 -10.80
N ALA A 67 12.49 -5.05 -11.21
CA ALA A 67 11.33 -5.84 -11.62
C ALA A 67 11.58 -6.46 -13.00
N SER A 68 11.12 -7.69 -13.17
CA SER A 68 11.15 -8.35 -14.47
C SER A 68 9.84 -8.25 -15.22
N LYS A 69 8.73 -8.04 -14.51
CA LYS A 69 7.43 -7.92 -15.14
C LYS A 69 6.48 -7.26 -14.16
N SER A 70 5.49 -6.55 -14.69
CA SER A 70 4.41 -5.97 -13.91
C SER A 70 3.11 -6.38 -14.57
N ILE A 71 2.09 -6.63 -13.74
CA ILE A 71 0.79 -7.08 -14.20
C ILE A 71 -0.27 -6.24 -13.49
N VAL A 72 -0.86 -5.31 -14.22
CA VAL A 72 -1.98 -4.51 -13.74
C VAL A 72 -3.24 -5.36 -13.79
N HIS A 73 -4.12 -5.17 -12.81
CA HIS A 73 -5.33 -5.96 -12.78
C HIS A 73 -6.07 -5.85 -14.11
N PRO A 74 -6.65 -6.94 -14.61
CA PRO A 74 -7.32 -6.88 -15.92
C PRO A 74 -8.46 -5.90 -16.00
N SER A 75 -9.08 -5.54 -14.87
CA SER A 75 -10.24 -4.66 -14.85
C SER A 75 -9.93 -3.30 -14.26
N TYR A 76 -8.66 -2.94 -14.10
CA TYR A 76 -8.33 -1.63 -13.56
C TYR A 76 -8.92 -0.53 -14.42
N ASN A 77 -9.57 0.43 -13.76
CA ASN A 77 -10.13 1.61 -14.43
C ASN A 77 -9.43 2.83 -13.87
N SER A 78 -8.64 3.51 -14.71
CA SER A 78 -7.84 4.64 -14.26
C SER A 78 -8.66 5.89 -14.01
N ASN A 79 -9.91 5.95 -14.50
CA ASN A 79 -10.76 7.11 -14.24
C ASN A 79 -11.35 7.07 -12.83
N THR A 80 -11.67 5.88 -12.33
CA THR A 80 -12.33 5.70 -11.05
C THR A 80 -11.46 5.01 -10.01
N LEU A 81 -10.34 4.44 -10.43
CA LEU A 81 -9.47 3.62 -9.58
C LEU A 81 -10.15 2.35 -9.08
N ASN A 82 -11.24 1.92 -9.70
CA ASN A 82 -11.76 0.59 -9.41
C ASN A 82 -10.73 -0.46 -9.83
N ASN A 83 -10.52 -1.46 -8.97
CA ASN A 83 -9.55 -2.54 -9.19
C ASN A 83 -8.12 -2.01 -9.19
N ASP A 84 -7.79 -1.20 -8.20
CA ASP A 84 -6.50 -0.53 -8.13
C ASP A 84 -5.46 -1.44 -7.49
N ILE A 85 -5.00 -2.43 -8.26
CA ILE A 85 -4.04 -3.42 -7.77
C ILE A 85 -3.17 -3.86 -8.92
N MET A 86 -1.90 -4.12 -8.61
N MET A 86 -1.89 -4.09 -8.63
CA MET A 86 -0.89 -4.53 -9.58
CA MET A 86 -0.98 -4.65 -9.61
C MET A 86 0.10 -5.46 -8.91
C MET A 86 0.00 -5.55 -8.87
N LEU A 87 0.57 -6.47 -9.64
CA LEU A 87 1.61 -7.37 -9.16
C LEU A 87 2.93 -7.05 -9.88
N ILE A 88 4.03 -7.12 -9.15
CA ILE A 88 5.37 -6.86 -9.67
C ILE A 88 6.24 -8.04 -9.32
N LYS A 89 6.89 -8.64 -10.32
CA LYS A 89 7.80 -9.74 -10.09
C LYS A 89 9.23 -9.25 -10.03
N LEU A 90 9.99 -9.78 -9.08
CA LEU A 90 11.39 -9.45 -8.92
C LEU A 90 12.25 -10.30 -9.84
N LYS A 91 13.24 -9.68 -10.48
N LYS A 91 13.27 -9.68 -10.45
CA LYS A 91 14.12 -10.42 -11.39
CA LYS A 91 14.13 -10.40 -11.40
C LYS A 91 14.83 -11.56 -10.68
C LYS A 91 14.92 -11.51 -10.70
N SER A 92 15.23 -11.33 -9.43
CA SER A 92 15.85 -12.35 -8.61
C SER A 92 15.11 -12.37 -7.28
N ALA A 93 15.03 -13.55 -6.67
CA ALA A 93 14.31 -13.66 -5.42
C ALA A 93 14.98 -12.82 -4.33
N ALA A 94 14.16 -12.14 -3.54
CA ALA A 94 14.69 -11.47 -2.36
C ALA A 94 15.20 -12.49 -1.37
N SER A 95 16.25 -12.13 -0.64
CA SER A 95 16.74 -12.95 0.46
C SER A 95 15.94 -12.58 1.69
N LEU A 96 15.07 -13.48 2.14
CA LEU A 96 14.15 -13.16 3.21
C LEU A 96 14.85 -13.26 4.56
N ASN A 97 14.65 -12.23 5.39
CA ASN A 97 15.24 -12.20 6.73
C ASN A 97 14.32 -11.36 7.61
N SER A 98 14.74 -11.11 8.85
CA SER A 98 13.82 -10.41 9.76
C SER A 98 13.53 -8.99 9.32
N ARG A 99 14.34 -8.41 8.42
CA ARG A 99 14.12 -7.06 7.93
C ARG A 99 13.51 -7.02 6.53
N VAL A 100 13.37 -8.16 5.88
CA VAL A 100 12.83 -8.28 4.54
C VAL A 100 11.94 -9.51 4.57
N ALA A 101 10.64 -9.31 4.71
CA ALA A 101 9.72 -10.39 5.04
C ALA A 101 8.41 -10.18 4.32
N SER A 102 7.76 -11.28 3.96
N SER A 102 7.76 -11.29 3.99
CA SER A 102 6.48 -11.20 3.29
CA SER A 102 6.47 -11.25 3.32
C SER A 102 5.34 -11.00 4.28
C SER A 102 5.35 -10.94 4.31
N ILE A 103 4.24 -10.45 3.78
CA ILE A 103 3.00 -10.29 4.53
C ILE A 103 1.97 -11.26 3.97
N SER A 104 1.24 -11.93 4.86
N SER A 104 1.24 -11.93 4.86
CA SER A 104 0.25 -12.91 4.45
CA SER A 104 0.25 -12.91 4.47
C SER A 104 -0.93 -12.26 3.75
C SER A 104 -0.95 -12.27 3.77
N LEU A 105 -1.44 -12.94 2.72
CA LEU A 105 -2.68 -12.52 2.06
C LEU A 105 -3.87 -12.92 2.90
N PRO A 106 -4.96 -12.18 2.82
CA PRO A 106 -6.12 -12.51 3.64
C PRO A 106 -6.79 -13.80 3.17
N THR A 107 -7.23 -14.60 4.14
CA THR A 107 -8.13 -15.69 3.83
C THR A 107 -9.56 -15.17 3.77
N SER A 108 -9.83 -14.22 4.65
CA SER A 108 -11.10 -13.56 4.81
C SER A 108 -10.85 -12.06 4.85
N CYS A 109 -11.83 -11.31 4.37
CA CYS A 109 -11.84 -9.87 4.55
C CYS A 109 -11.92 -9.53 6.03
N ALA A 110 -11.65 -8.27 6.32
CA ALA A 110 -11.80 -7.71 7.66
C ALA A 110 -13.11 -6.92 7.74
N SER A 111 -13.59 -6.78 8.96
CA SER A 111 -14.84 -6.09 9.22
C SER A 111 -14.59 -4.65 9.66
N ALA A 112 -15.62 -3.83 9.48
CA ALA A 112 -15.60 -2.47 9.99
C ALA A 112 -15.25 -2.48 11.48
N GLY A 113 -14.43 -1.52 11.89
CA GLY A 113 -13.98 -1.43 13.25
C GLY A 113 -12.66 -2.10 13.54
N THR A 114 -12.21 -2.99 12.67
CA THR A 114 -10.91 -3.63 12.85
C THR A 114 -9.82 -2.57 12.72
N GLN A 115 -8.82 -2.64 13.60
CA GLN A 115 -7.69 -1.73 13.55
C GLN A 115 -6.61 -2.25 12.60
N CYS A 116 -5.98 -1.32 11.89
CA CYS A 116 -5.00 -1.67 10.88
C CYS A 116 -3.78 -0.76 11.02
N LEU A 117 -2.67 -1.20 10.43
CA LEU A 117 -1.44 -0.42 10.35
C LEU A 117 -1.22 -0.02 8.90
N ILE A 118 -1.13 1.29 8.66
CA ILE A 118 -0.86 1.88 7.35
C ILE A 118 0.50 2.53 7.43
N SER A 119 1.32 2.38 6.38
CA SER A 119 2.69 2.86 6.44
C SER A 119 3.14 3.39 5.08
N GLY A 120 4.13 4.28 5.12
CA GLY A 120 4.70 4.79 3.89
C GLY A 120 5.59 6.00 4.10
N TRP A 121 6.18 6.42 2.98
CA TRP A 121 7.10 7.55 2.92
C TRP A 121 6.45 8.78 2.30
N GLY A 122 5.12 8.85 2.31
CA GLY A 122 4.41 9.94 1.68
C GLY A 122 4.36 11.20 2.51
N ASN A 123 3.70 12.21 1.94
CA ASN A 123 3.58 13.52 2.55
C ASN A 123 3.01 13.40 3.96
N THR A 124 3.58 14.18 4.89
CA THR A 124 3.15 14.19 6.27
C THR A 124 2.31 15.40 6.63
N LYS A 125 2.01 16.28 5.69
CA LYS A 125 1.24 17.49 5.96
C LYS A 125 -0.16 17.40 5.38
N SER A 126 -1.15 17.89 6.14
CA SER A 126 -2.52 17.94 5.65
C SER A 126 -2.76 19.17 4.78
N SER A 127 -1.88 20.16 4.86
CA SER A 127 -1.87 21.29 3.94
C SER A 127 -0.41 21.55 3.61
N GLY A 128 -0.10 21.66 2.33
CA GLY A 128 1.28 21.83 1.94
C GLY A 128 1.98 20.48 1.85
N THR A 129 3.31 20.51 1.89
CA THR A 129 4.11 19.34 1.54
C THR A 129 5.37 19.23 2.38
N SER A 130 5.57 18.05 2.97
CA SER A 130 6.83 17.69 3.61
C SER A 130 6.96 16.19 3.50
N TYR A 131 8.06 15.74 2.91
CA TYR A 131 8.25 14.31 2.71
C TYR A 131 9.30 13.81 3.68
N PRO A 132 8.99 12.74 4.40
CA PRO A 132 9.94 12.20 5.37
C PRO A 132 10.86 11.25 4.62
N ASP A 133 12.01 11.03 5.21
CA ASP A 133 12.91 10.06 4.64
C ASP A 133 12.86 8.72 5.33
N VAL A 134 12.37 8.67 6.57
CA VAL A 134 12.16 7.41 7.27
C VAL A 134 10.69 7.01 7.20
N LEU A 135 10.44 5.72 7.40
CA LEU A 135 9.10 5.18 7.23
C LEU A 135 8.19 5.65 8.35
N LYS A 136 6.98 6.09 7.97
CA LYS A 136 5.97 6.53 8.92
C LYS A 136 4.82 5.52 8.99
N CYS A 137 4.18 5.48 10.15
CA CYS A 137 3.19 4.48 10.50
C CYS A 137 1.95 5.17 11.07
N LEU A 138 0.79 4.53 10.88
CA LEU A 138 -0.46 5.06 11.39
C LEU A 138 -1.36 3.89 11.74
N LYS A 139 -1.90 3.90 12.95
CA LYS A 139 -2.95 2.96 13.34
C LYS A 139 -4.29 3.59 12.96
N ALA A 140 -5.13 2.84 12.24
CA ALA A 140 -6.38 3.39 11.74
C ALA A 140 -7.42 2.29 11.62
N PRO A 141 -8.67 2.55 11.99
CA PRO A 141 -9.71 1.53 11.86
C PRO A 141 -10.38 1.56 10.50
N ILE A 142 -10.86 0.39 10.09
CA ILE A 142 -11.74 0.30 8.94
C ILE A 142 -13.06 0.97 9.29
N LEU A 143 -13.54 1.84 8.42
CA LEU A 143 -14.80 2.53 8.62
C LEU A 143 -15.94 1.75 7.95
N SER A 144 -17.15 1.97 8.44
CA SER A 144 -18.31 1.32 7.85
C SER A 144 -18.44 1.70 6.37
N ASP A 145 -18.93 0.76 5.58
CA ASP A 145 -19.14 1.07 4.16
C ASP A 145 -20.12 2.22 4.00
N SER A 146 -21.08 2.37 4.92
CA SER A 146 -22.04 3.46 4.80
C SER A 146 -21.37 4.82 5.03
N SER A 147 -20.48 4.93 6.03
N SER A 147 -20.50 4.93 6.05
CA SER A 147 -19.76 6.19 6.20
CA SER A 147 -19.73 6.15 6.23
C SER A 147 -18.81 6.44 5.04
C SER A 147 -18.88 6.43 4.99
N CYS A 148 -18.25 5.39 4.45
CA CYS A 148 -17.38 5.54 3.29
C CYS A 148 -18.16 6.09 2.10
N LYS A 149 -19.29 5.46 1.79
CA LYS A 149 -20.09 5.91 0.64
C LYS A 149 -20.73 7.27 0.89
N SER A 150 -21.09 7.58 2.13
CA SER A 150 -21.62 8.91 2.44
C SER A 150 -20.57 9.97 2.17
N ALA A 151 -19.31 9.66 2.47
CA ALA A 151 -18.24 10.61 2.23
C ALA A 151 -17.97 10.80 0.74
N TYR A 152 -18.14 9.75 -0.05
CA TYR A 152 -17.78 9.75 -1.47
C TYR A 152 -18.93 9.15 -2.29
N PRO A 153 -20.06 9.84 -2.36
CA PRO A 153 -21.24 9.23 -3.01
C PRO A 153 -21.00 8.94 -4.49
N GLY A 154 -21.47 7.78 -4.92
CA GLY A 154 -21.32 7.34 -6.29
C GLY A 154 -19.92 6.90 -6.70
N GLN A 155 -18.95 6.91 -5.79
CA GLN A 155 -17.55 6.64 -6.15
C GLN A 155 -16.99 5.35 -5.56
N ILE A 156 -17.64 4.77 -4.56
CA ILE A 156 -17.12 3.61 -3.85
C ILE A 156 -17.71 2.35 -4.48
N THR A 157 -16.86 1.41 -4.81
CA THR A 157 -17.31 0.11 -5.28
C THR A 157 -17.03 -0.94 -4.21
N SER A 158 -17.50 -2.16 -4.48
CA SER A 158 -17.26 -3.27 -3.58
C SER A 158 -15.78 -3.65 -3.48
N ASN A 159 -14.94 -3.07 -4.34
CA ASN A 159 -13.50 -3.32 -4.33
C ASN A 159 -12.72 -2.28 -3.56
N MET A 160 -13.41 -1.46 -2.76
CA MET A 160 -12.82 -0.38 -2.01
C MET A 160 -13.36 -0.41 -0.59
N PHE A 161 -12.54 0.05 0.36
CA PHE A 161 -13.03 0.36 1.70
C PHE A 161 -12.36 1.63 2.19
N CYS A 162 -13.00 2.26 3.16
CA CYS A 162 -12.41 3.42 3.80
C CYS A 162 -11.83 3.04 5.15
N ALA A 163 -10.77 3.76 5.54
CA ALA A 163 -10.17 3.57 6.85
C ALA A 163 -9.62 4.93 7.28
N GLY A 164 -9.59 5.14 8.59
CA GLY A 164 -9.10 6.38 9.12
C GLY A 164 -10.06 6.99 10.11
N TYR A 165 -10.20 8.32 10.05
CA TYR A 165 -10.84 9.10 11.08
C TYR A 165 -11.66 10.19 10.42
N LEU A 166 -12.96 10.17 10.62
CA LEU A 166 -13.81 11.17 9.98
C LEU A 166 -13.53 12.58 10.49
N GLU A 167 -12.96 12.72 11.69
CA GLU A 167 -12.63 14.05 12.20
C GLU A 167 -11.44 14.67 11.50
N GLY A 168 -10.69 13.89 10.70
CA GLY A 168 -9.49 14.38 10.06
C GLY A 168 -8.27 14.26 10.96
N GLY A 169 -7.15 14.75 10.42
CA GLY A 169 -5.90 14.82 11.16
C GLY A 169 -4.99 13.62 11.05
N LYS A 170 -5.50 12.44 10.69
CA LYS A 170 -4.69 11.23 10.60
C LYS A 170 -5.11 10.48 9.34
N ASP A 171 -4.17 10.25 8.44
CA ASP A 171 -4.52 9.69 7.13
C ASP A 171 -3.24 9.30 6.41
N SER A 172 -3.39 8.55 5.32
CA SER A 172 -2.32 8.40 4.35
C SER A 172 -2.41 9.57 3.34
N CYS A 173 -1.45 9.65 2.43
CA CYS A 173 -1.34 10.80 1.55
C CYS A 173 -0.52 10.43 0.31
N GLN A 174 -0.37 11.40 -0.59
CA GLN A 174 0.45 11.18 -1.76
C GLN A 174 1.83 10.68 -1.37
N GLY A 175 2.37 9.75 -2.16
CA GLY A 175 3.61 9.09 -1.86
C GLY A 175 3.47 7.82 -1.05
N ASP A 176 2.35 7.65 -0.37
CA ASP A 176 2.01 6.40 0.30
C ASP A 176 1.34 5.41 -0.65
N SER A 177 0.86 5.89 -1.79
CA SER A 177 0.24 5.10 -2.83
C SER A 177 0.87 3.74 -2.99
N GLY A 178 0.03 2.70 -3.05
CA GLY A 178 0.50 1.36 -3.31
C GLY A 178 0.95 0.61 -2.08
N GLY A 179 1.12 1.30 -0.95
CA GLY A 179 1.60 0.66 0.26
C GLY A 179 0.52 -0.06 1.02
N PRO A 180 0.93 -0.70 2.11
CA PRO A 180 0.09 -1.65 2.82
C PRO A 180 -0.86 -1.04 3.85
N VAL A 181 -2.01 -1.71 3.97
CA VAL A 181 -2.92 -1.60 5.12
C VAL A 181 -3.00 -3.02 5.68
N VAL A 182 -2.42 -3.24 6.85
CA VAL A 182 -2.33 -4.57 7.44
C VAL A 182 -3.22 -4.62 8.69
N CYS A 183 -4.09 -5.61 8.74
CA CYS A 183 -5.06 -5.75 9.82
C CYS A 183 -5.01 -7.19 10.28
N SER A 184 -4.77 -7.40 11.57
CA SER A 184 -4.74 -8.74 12.13
C SER A 184 -3.80 -9.64 11.33
N GLY A 185 -2.67 -9.07 10.93
CA GLY A 185 -1.60 -9.82 10.30
C GLY A 185 -1.80 -10.13 8.84
N LYS A 186 -2.79 -9.53 8.18
CA LYS A 186 -3.07 -9.78 6.78
C LYS A 186 -3.07 -8.47 6.01
N LEU A 187 -2.63 -8.54 4.76
CA LEU A 187 -2.67 -7.40 3.85
C LEU A 187 -4.12 -7.24 3.36
N GLN A 188 -4.87 -6.36 4.01
CA GLN A 188 -6.26 -6.13 3.64
C GLN A 188 -6.45 -4.96 2.68
N GLY A 189 -5.51 -4.00 2.65
CA GLY A 189 -5.70 -2.83 1.83
C GLY A 189 -4.42 -2.39 1.15
N ILE A 190 -4.60 -1.61 0.09
CA ILE A 190 -3.55 -0.91 -0.64
C ILE A 190 -3.93 0.57 -0.67
N VAL A 191 -2.97 1.44 -0.35
CA VAL A 191 -3.24 2.88 -0.40
C VAL A 191 -3.63 3.26 -1.81
N SER A 192 -4.86 3.79 -1.98
CA SER A 192 -5.43 4.03 -3.30
C SER A 192 -5.75 5.50 -3.55
N TRP A 193 -6.72 6.10 -2.85
CA TRP A 193 -7.11 7.46 -3.18
C TRP A 193 -7.82 8.12 -2.00
N GLY A 194 -8.18 9.38 -2.20
CA GLY A 194 -8.96 10.15 -1.24
C GLY A 194 -8.89 11.62 -1.61
N SER A 195 -9.75 12.41 -0.97
N SER A 195 -9.71 12.42 -0.93
CA SER A 195 -9.80 13.85 -1.23
CA SER A 195 -9.81 13.84 -1.22
C SER A 195 -8.85 14.55 -0.27
C SER A 195 -8.90 14.62 -0.27
N GLY A 196 -7.84 15.21 -0.82
CA GLY A 196 -6.85 15.82 0.04
C GLY A 196 -6.20 14.76 0.90
N CYS A 197 -5.70 15.17 2.06
CA CYS A 197 -5.17 14.24 3.05
C CYS A 197 -5.54 14.71 4.43
N ALA A 198 -6.09 13.80 5.24
CA ALA A 198 -6.39 14.08 6.64
C ALA A 198 -7.47 15.16 6.80
N GLN A 199 -8.33 15.31 5.80
CA GLN A 199 -9.40 16.30 5.85
C GLN A 199 -10.64 15.71 6.52
N LYS A 200 -11.39 16.58 7.18
CA LYS A 200 -12.61 16.16 7.83
C LYS A 200 -13.57 15.56 6.81
N ASN A 201 -14.17 14.43 7.17
CA ASN A 201 -15.18 13.73 6.38
C ASN A 201 -14.67 13.25 5.04
N LYS A 202 -13.36 13.13 4.89
CA LYS A 202 -12.72 12.66 3.65
C LYS A 202 -11.70 11.59 4.01
N PRO A 203 -12.13 10.41 4.42
CA PRO A 203 -11.19 9.37 4.85
C PRO A 203 -10.44 8.78 3.68
N GLY A 204 -9.40 8.01 3.98
CA GLY A 204 -8.67 7.33 2.94
C GLY A 204 -9.48 6.19 2.36
N VAL A 205 -9.28 5.98 1.06
CA VAL A 205 -9.90 4.87 0.33
C VAL A 205 -8.80 3.89 -0.08
N TYR A 206 -9.08 2.60 0.11
CA TYR A 206 -8.10 1.53 -0.01
C TYR A 206 -8.65 0.41 -0.87
N THR A 207 -7.79 -0.18 -1.69
CA THR A 207 -8.18 -1.33 -2.47
C THR A 207 -8.45 -2.49 -1.54
N LYS A 208 -9.56 -3.19 -1.76
CA LYS A 208 -10.00 -4.28 -0.87
C LYS A 208 -9.34 -5.57 -1.33
N VAL A 209 -8.15 -5.82 -0.79
CA VAL A 209 -7.28 -6.92 -1.24
C VAL A 209 -7.97 -8.28 -1.15
N CYS A 210 -8.83 -8.50 -0.15
CA CYS A 210 -9.42 -9.83 -0.01
C CYS A 210 -10.21 -10.25 -1.25
N ASN A 211 -10.69 -9.29 -2.05
CA ASN A 211 -11.43 -9.63 -3.27
C ASN A 211 -10.51 -10.18 -4.36
N TYR A 212 -9.20 -9.99 -4.21
CA TYR A 212 -8.23 -10.27 -5.26
C TYR A 212 -7.34 -11.48 -4.95
N VAL A 213 -7.57 -12.19 -3.85
CA VAL A 213 -6.64 -13.25 -3.47
C VAL A 213 -6.61 -14.36 -4.50
N SER A 214 -7.76 -14.75 -5.05
N SER A 214 -7.77 -14.75 -5.04
CA SER A 214 -7.75 -15.79 -6.08
CA SER A 214 -7.79 -15.77 -6.08
C SER A 214 -6.99 -15.33 -7.31
C SER A 214 -7.00 -15.33 -7.31
N TRP A 215 -7.20 -14.08 -7.74
CA TRP A 215 -6.47 -13.56 -8.88
C TRP A 215 -4.97 -13.50 -8.60
N ILE A 216 -4.58 -13.06 -7.40
CA ILE A 216 -3.15 -13.02 -7.07
C ILE A 216 -2.55 -14.41 -7.16
N LYS A 217 -3.19 -15.38 -6.50
CA LYS A 217 -2.62 -16.72 -6.44
C LYS A 217 -2.53 -17.35 -7.82
N GLN A 218 -3.55 -17.18 -8.66
CA GLN A 218 -3.50 -17.77 -9.99
C GLN A 218 -2.49 -17.05 -10.87
N THR A 219 -2.39 -15.72 -10.74
CA THR A 219 -1.47 -14.96 -11.58
C THR A 219 -0.03 -15.30 -11.23
N ILE A 220 0.31 -15.35 -9.94
CA ILE A 220 1.69 -15.66 -9.60
C ILE A 220 2.05 -17.09 -9.99
N ALA A 221 1.10 -18.03 -9.92
CA ALA A 221 1.41 -19.41 -10.27
C ALA A 221 1.65 -19.59 -11.76
N SER A 222 1.19 -18.67 -12.60
CA SER A 222 1.33 -18.77 -14.04
C SER A 222 2.31 -17.77 -14.61
N ASN A 223 3.09 -17.09 -13.76
CA ASN A 223 4.02 -16.08 -14.23
C ASN A 223 5.32 -16.14 -13.44
N13 32U B . -7.29 12.91 -5.47
C5 32U B . -7.51 11.87 -6.46
C14 32U B . -6.63 10.72 -6.03
O32 32U B . -6.59 10.32 -4.92
C33 32U B . -9.00 11.47 -6.50
C6 32U B . -9.36 10.38 -7.53
C8 32U B . -9.25 10.58 -8.88
C12 32U B . -9.82 9.11 -7.05
C9 32U B . -9.59 9.57 -9.78
C11 32U B . -10.18 8.11 -7.94
C10 32U B . -10.06 8.31 -9.30
N1 32U B . -5.78 10.10 -7.00
C1 32U B . -4.96 9.10 -6.71
C7 32U B . -3.97 9.57 -5.65
O22 32U B . -3.46 10.64 -5.62
C2 32U B . -4.14 8.75 -8.05
C3 32U B . -5.05 9.34 -9.14
C4 32U B . -5.66 10.47 -8.58
N23 32U B . -3.68 8.57 -4.60
C24 32U B . -2.72 8.97 -3.54
C25 32U B . -3.52 9.21 -2.24
C26 32U B . -3.18 8.51 -1.11
C27 32U B . -3.90 8.71 0.06
C28 32U B . -4.92 9.62 0.06
C21 32U B . -5.70 9.82 1.37
N46 32U B . -6.24 10.95 1.67
N47 32U B . -5.80 8.70 2.25
C29 32U B . -5.26 10.33 -1.07
C30 32U B . -4.56 10.12 -2.23
CA CA C . 18.14 3.21 3.00
C1 GOL D . 21.17 -3.11 -2.02
O1 GOL D . 21.00 -4.10 -3.02
C2 GOL D . 22.41 -2.24 -2.40
O2 GOL D . 23.56 -3.00 -2.55
C3 GOL D . 22.57 -1.23 -1.24
O3 GOL D . 23.73 -0.48 -1.51
S SO4 E . 10.33 -15.97 -15.41
O1 SO4 E . 9.49 -15.72 -16.57
O2 SO4 E . 10.19 -14.85 -14.47
O3 SO4 E . 9.90 -17.22 -14.77
O4 SO4 E . 11.73 -16.09 -15.83
C1 GOL F . 9.82 -3.66 -14.98
O1 GOL F . 9.48 -2.45 -14.34
C2 GOL F . 9.53 -3.48 -16.49
O2 GOL F . 10.19 -2.39 -17.03
C3 GOL F . 10.03 -4.79 -17.14
O3 GOL F . 10.15 -4.54 -18.51
C1 GOL G . -13.47 -3.92 4.67
O1 GOL G . -13.77 -5.25 4.36
C2 GOL G . -14.80 -3.10 4.62
O2 GOL G . -15.46 -3.23 3.40
C3 GOL G . -15.63 -3.64 5.80
O3 GOL G . -16.46 -4.63 5.30
#